data_5IAN
#
_entry.id   5IAN
#
_cell.length_a   69.021
_cell.length_b   84.910
_cell.length_c   96.386
_cell.angle_alpha   90.00
_cell.angle_beta   90.00
_cell.angle_gamma   90.00
#
_symmetry.space_group_name_H-M   'I 2 2 2'
#
loop_
_entity.id
_entity.type
_entity.pdbx_description
1 polymer Caspase-3
2 polymer LEU-SER-SER
3 polymer ACE-ASP-GLU-VAL-ASK
4 non-polymer 'SODIUM ION'
5 water water
#
loop_
_entity_poly.entity_id
_entity_poly.type
_entity_poly.pdbx_seq_one_letter_code
_entity_poly.pdbx_strand_id
1 'polypeptide(L)'
;MENTENSVDSKSIKNLEPKIIHGSESMDSGISLDNSYKMDYPEMGLCIIINNKNFHKSTGMTSRSGTDVDAANLRETFRN
LKYEVRNKNDLTREEIVELMRDVSKEDHSKRSSFVCVLLSHGEEGIIFGTNGPVDLKKITNFFRGDRCRSLTGKPKLFII
QACRGTELDCGIETDSGVDDDMACHKIPVEADFLYAYSTAPGYYSWRNSKDGSWFIQSLCAMLKQYADKLEFMHILTRVN
RKVATEFESFSFDATFHAKKQIPCINSMLTKELYFYHL
;
A
2 'polypeptide(L)' LSS E
3 'polypeptide(L)' (ACE)DEVD(0QE) B
#
loop_
_chem_comp.id
_chem_comp.type
_chem_comp.name
_chem_comp.formula
0QE non-polymer chloromethane 'C H3 Cl'
ACE non-polymer 'ACETYL GROUP' 'C2 H4 O'
NA non-polymer 'SODIUM ION' 'Na 1'
#
# COMPACT_ATOMS: atom_id res chain seq x y z
N SER A 29 5.89 36.53 -15.95
CA SER A 29 6.55 35.83 -14.85
C SER A 29 7.92 35.34 -15.27
N GLY A 30 8.49 34.42 -14.48
CA GLY A 30 9.77 33.82 -14.80
C GLY A 30 9.64 32.47 -15.50
N ILE A 31 10.79 31.85 -15.74
CA ILE A 31 10.82 30.50 -16.32
C ILE A 31 10.20 29.52 -15.33
N SER A 32 9.22 28.75 -15.79
CA SER A 32 8.55 27.77 -14.96
C SER A 32 8.88 26.35 -15.42
N LEU A 33 8.69 25.39 -14.51
CA LEU A 33 8.89 23.98 -14.78
C LEU A 33 7.79 23.18 -14.06
N ASP A 34 7.43 22.04 -14.63
CA ASP A 34 6.26 21.29 -14.17
C ASP A 34 6.55 19.80 -14.14
N ASN A 35 7.66 19.42 -13.51
CA ASN A 35 8.06 18.02 -13.38
C ASN A 35 7.55 17.36 -12.11
N SER A 36 6.82 18.08 -11.25
CA SER A 36 6.36 17.55 -9.98
C SER A 36 4.83 17.65 -9.89
N TYR A 37 4.23 16.71 -9.18
CA TYR A 37 2.80 16.79 -8.94
C TYR A 37 2.52 17.94 -7.99
N LYS A 38 1.49 18.74 -8.32
CA LYS A 38 1.06 19.81 -7.43
C LYS A 38 0.54 19.24 -6.11
N MET A 39 1.24 19.54 -5.01
CA MET A 39 0.89 18.97 -3.72
C MET A 39 0.47 20.02 -2.70
N ASP A 40 0.15 21.23 -3.16
CA ASP A 40 -0.27 22.32 -2.29
C ASP A 40 -1.75 22.66 -2.46
N TYR A 41 -2.58 21.69 -2.85
CA TYR A 41 -4.01 21.84 -2.66
C TYR A 41 -4.29 22.00 -1.17
N PRO A 42 -5.45 22.53 -0.81
CA PRO A 42 -5.69 22.77 0.62
C PRO A 42 -5.47 21.54 1.47
N GLU A 43 -5.71 20.35 0.92
CA GLU A 43 -5.62 19.09 1.66
C GLU A 43 -4.78 18.09 0.89
N MET A 44 -4.03 17.27 1.63
CA MET A 44 -3.19 16.27 0.97
C MET A 44 -4.02 15.16 0.33
N GLY A 45 -5.16 14.85 0.90
CA GLY A 45 -6.02 13.78 0.42
C GLY A 45 -6.35 12.78 1.50
N LEU A 46 -7.12 11.78 1.09
CA LEU A 46 -7.51 10.71 1.99
C LEU A 46 -6.45 9.63 2.01
N CYS A 47 -6.25 9.06 3.19
CA CYS A 47 -5.51 7.81 3.35
C CYS A 47 -6.50 6.77 3.89
N ILE A 48 -6.86 5.79 3.07
CA ILE A 48 -7.75 4.72 3.49
C ILE A 48 -6.88 3.53 3.90
N ILE A 49 -6.96 3.13 5.17
CA ILE A 49 -6.28 1.94 5.66
C ILE A 49 -7.32 0.87 5.93
N ILE A 50 -7.22 -0.24 5.21
CA ILE A 50 -8.12 -1.37 5.41
C ILE A 50 -7.32 -2.46 6.09
N ASN A 51 -7.56 -2.67 7.38
CA ASN A 51 -6.82 -3.62 8.20
C ASN A 51 -7.71 -4.83 8.45
N ASN A 52 -7.34 -5.98 7.89
CA ASN A 52 -8.18 -7.18 8.00
C ASN A 52 -7.40 -8.22 8.77
N LYS A 53 -7.78 -8.42 10.03
CA LYS A 53 -7.04 -9.29 10.95
C LYS A 53 -7.74 -10.62 11.22
N ASN A 54 -9.07 -10.63 11.30
CA ASN A 54 -9.83 -11.82 11.68
C ASN A 54 -10.75 -12.18 10.55
N PHE A 55 -10.68 -13.42 10.11
CA PHE A 55 -11.41 -13.86 8.92
C PHE A 55 -12.47 -14.89 9.28
N HIS A 56 -13.59 -14.83 8.56
CA HIS A 56 -14.67 -15.77 8.78
C HIS A 56 -14.14 -17.19 8.82
N LYS A 57 -14.60 -17.96 9.80
CA LYS A 57 -14.08 -19.31 9.97
C LYS A 57 -14.22 -20.11 8.68
N SER A 58 -15.30 -19.87 7.92
CA SER A 58 -15.61 -20.73 6.79
C SER A 58 -14.61 -20.60 5.65
N THR A 59 -13.77 -19.56 5.64
CA THR A 59 -12.77 -19.39 4.59
C THR A 59 -11.50 -20.17 4.86
N GLY A 60 -11.24 -20.54 6.12
CA GLY A 60 -10.02 -21.24 6.47
C GLY A 60 -8.79 -20.37 6.47
N MET A 61 -8.93 -19.09 6.75
CA MET A 61 -7.82 -18.15 6.76
CA MET A 61 -7.82 -18.15 6.76
C MET A 61 -7.49 -17.75 8.20
N THR A 62 -6.23 -17.92 8.58
CA THR A 62 -5.79 -17.61 9.94
C THR A 62 -5.80 -16.12 10.21
N SER A 63 -5.92 -15.76 11.48
CA SER A 63 -5.85 -14.37 11.88
CA SER A 63 -5.84 -14.37 11.89
C SER A 63 -4.44 -13.84 11.60
N ARG A 64 -4.38 -12.59 11.14
CA ARG A 64 -3.10 -11.97 10.75
C ARG A 64 -2.48 -11.21 11.93
N SER A 65 -2.01 -11.98 12.90
CA SER A 65 -1.40 -11.41 14.11
C SER A 65 -0.37 -10.34 13.76
N GLY A 66 -0.39 -9.25 14.53
CA GLY A 66 0.57 -8.17 14.38
C GLY A 66 0.17 -7.06 13.43
N THR A 67 -0.83 -7.27 12.59
CA THR A 67 -1.25 -6.26 11.63
C THR A 67 -1.80 -5.01 12.30
N ASP A 68 -2.14 -5.09 13.60
CA ASP A 68 -2.56 -3.88 14.30
C ASP A 68 -1.39 -2.95 14.55
N VAL A 69 -0.21 -3.51 14.80
CA VAL A 69 1.02 -2.71 14.79
C VAL A 69 1.12 -1.97 13.46
N ASP A 70 0.95 -2.69 12.36
CA ASP A 70 1.03 -2.05 11.06
C ASP A 70 0.00 -0.94 10.93
N ALA A 71 -1.23 -1.23 11.35
CA ALA A 71 -2.29 -0.24 11.18
C ALA A 71 -1.99 1.03 11.99
N ALA A 72 -1.56 0.87 13.24
CA ALA A 72 -1.33 2.04 14.08
C ALA A 72 -0.18 2.87 13.55
N ASN A 73 0.87 2.21 13.07
CA ASN A 73 2.03 2.94 12.59
C ASN A 73 1.71 3.72 11.32
N LEU A 74 1.01 3.07 10.38
CA LEU A 74 0.58 3.78 9.18
C LEU A 74 -0.22 5.01 9.55
N ARG A 75 -1.31 4.81 10.29
CA ARG A 75 -2.12 5.92 10.77
C ARG A 75 -1.25 7.05 11.27
N GLU A 76 -0.31 6.73 12.17
CA GLU A 76 0.50 7.80 12.73
C GLU A 76 1.39 8.42 11.66
N THR A 77 1.95 7.59 10.78
CA THR A 77 2.87 8.09 9.76
C THR A 77 2.13 8.98 8.77
N PHE A 78 0.98 8.55 8.31
CA PHE A 78 0.28 9.39 7.35
C PHE A 78 -0.39 10.59 8.00
N ARG A 79 -0.72 10.51 9.28
CA ARG A 79 -1.12 11.71 10.00
C ARG A 79 -0.04 12.79 9.91
N ASN A 80 1.21 12.40 10.12
CA ASN A 80 2.30 13.38 10.11
C ASN A 80 2.47 14.04 8.75
N LEU A 81 2.05 13.36 7.69
CA LEU A 81 2.12 13.93 6.36
C LEU A 81 0.93 14.80 6.01
N LYS A 82 -0.03 14.91 6.92
CA LYS A 82 -1.22 15.75 6.78
C LYS A 82 -2.25 15.12 5.84
N TYR A 83 -2.40 13.81 5.91
CA TYR A 83 -3.46 13.07 5.24
C TYR A 83 -4.64 12.84 6.19
N GLU A 84 -5.85 12.81 5.63
CA GLU A 84 -7.05 12.55 6.42
C GLU A 84 -7.20 11.03 6.46
N VAL A 85 -6.76 10.42 7.56
CA VAL A 85 -6.68 8.96 7.65
C VAL A 85 -8.02 8.39 8.11
N ARG A 86 -8.48 7.33 7.44
CA ARG A 86 -9.64 6.57 7.89
C ARG A 86 -9.25 5.09 7.98
N ASN A 87 -9.08 4.57 9.19
CA ASN A 87 -8.87 3.15 9.38
C ASN A 87 -10.19 2.39 9.33
N LYS A 88 -10.24 1.30 8.56
CA LYS A 88 -11.37 0.39 8.62
C LYS A 88 -10.82 -1.00 8.92
N ASN A 89 -11.55 -1.77 9.72
CA ASN A 89 -11.04 -3.04 10.20
C ASN A 89 -12.03 -4.15 9.91
N ASP A 90 -11.51 -5.29 9.43
CA ASP A 90 -12.28 -6.52 9.24
C ASP A 90 -13.48 -6.29 8.31
N LEU A 91 -13.18 -5.78 7.11
CA LEU A 91 -14.19 -5.50 6.10
C LEU A 91 -14.47 -6.74 5.27
N THR A 92 -15.74 -6.95 4.93
CA THR A 92 -16.06 -8.03 4.01
C THR A 92 -15.84 -7.58 2.57
N ARG A 93 -15.70 -8.55 1.68
CA ARG A 93 -15.46 -8.23 0.29
C ARG A 93 -16.54 -7.31 -0.28
N GLU A 94 -17.77 -7.35 0.25
CA GLU A 94 -18.75 -6.38 -0.19
C GLU A 94 -18.48 -4.99 0.38
N GLU A 95 -18.11 -4.93 1.68
CA GLU A 95 -17.85 -3.64 2.31
C GLU A 95 -16.59 -2.99 1.75
N ILE A 96 -15.60 -3.79 1.34
CA ILE A 96 -14.43 -3.23 0.67
C ILE A 96 -14.85 -2.51 -0.61
N VAL A 97 -15.58 -3.20 -1.50
CA VAL A 97 -16.00 -2.61 -2.76
C VAL A 97 -16.87 -1.38 -2.52
N GLU A 98 -17.82 -1.48 -1.58
CA GLU A 98 -18.72 -0.36 -1.32
C GLU A 98 -17.98 0.82 -0.73
N LEU A 99 -17.05 0.56 0.18
CA LEU A 99 -16.22 1.62 0.70
C LEU A 99 -15.51 2.36 -0.43
N MET A 100 -14.88 1.59 -1.33
CA MET A 100 -14.10 2.20 -2.39
CA MET A 100 -14.10 2.20 -2.40
C MET A 100 -15.00 2.93 -3.39
N ARG A 101 -16.11 2.30 -3.79
CA ARG A 101 -17.03 3.03 -4.65
C ARG A 101 -17.49 4.32 -4.00
N ASP A 102 -17.74 4.30 -2.69
CA ASP A 102 -18.16 5.54 -2.02
C ASP A 102 -17.04 6.56 -2.01
N VAL A 103 -15.80 6.11 -1.77
CA VAL A 103 -14.71 7.05 -1.64
C VAL A 103 -14.36 7.65 -2.98
N SER A 104 -14.58 6.89 -4.06
CA SER A 104 -14.31 7.39 -5.40
C SER A 104 -15.39 8.33 -5.89
N LYS A 105 -16.54 8.38 -5.23
CA LYS A 105 -17.56 9.34 -5.63
CA LYS A 105 -17.57 9.33 -5.62
C LYS A 105 -17.55 10.59 -4.79
N GLU A 106 -16.72 10.66 -3.75
CA GLU A 106 -16.54 11.91 -3.05
C GLU A 106 -15.83 12.91 -3.95
N ASP A 107 -15.84 14.18 -3.53
CA ASP A 107 -15.27 15.26 -4.31
C ASP A 107 -13.84 15.52 -3.83
N HIS A 108 -12.86 15.07 -4.61
CA HIS A 108 -11.46 15.24 -4.25
C HIS A 108 -10.88 16.52 -4.83
N SER A 109 -11.73 17.42 -5.29
CA SER A 109 -11.29 18.65 -5.94
C SER A 109 -10.28 19.41 -5.09
N LYS A 110 -10.47 19.45 -3.77
CA LYS A 110 -9.59 20.24 -2.93
C LYS A 110 -8.40 19.44 -2.38
N ARG A 111 -8.20 18.22 -2.88
CA ARG A 111 -7.23 17.29 -2.35
C ARG A 111 -6.11 17.06 -3.34
N SER A 112 -4.90 16.85 -2.84
CA SER A 112 -3.73 16.74 -3.70
C SER A 112 -3.57 15.34 -4.27
N SER A 113 -3.80 14.32 -3.46
CA SER A 113 -3.52 12.96 -3.88
C SER A 113 -4.53 12.04 -3.23
N PHE A 114 -4.33 10.73 -3.39
CA PHE A 114 -5.15 9.74 -2.73
C PHE A 114 -4.28 8.56 -2.37
N VAL A 115 -4.34 8.10 -1.13
CA VAL A 115 -3.61 6.92 -0.67
C VAL A 115 -4.59 5.88 -0.13
N CYS A 116 -4.28 4.62 -0.40
CA CYS A 116 -5.09 3.49 0.03
C CYS A 116 -4.17 2.35 0.42
N VAL A 117 -4.29 1.88 1.64
CA VAL A 117 -3.40 0.87 2.19
C VAL A 117 -4.24 -0.36 2.50
N LEU A 118 -3.84 -1.51 1.96
CA LEU A 118 -4.57 -2.76 2.11
C LEU A 118 -3.72 -3.75 2.89
N LEU A 119 -4.17 -4.14 4.07
CA LEU A 119 -3.42 -5.03 4.97
C LEU A 119 -4.20 -6.33 5.09
N SER A 120 -3.67 -7.40 4.51
CA SER A 120 -4.51 -8.58 4.38
C SER A 120 -3.80 -9.74 3.69
N HIS A 121 -4.52 -10.84 3.51
CA HIS A 121 -4.15 -11.99 2.71
C HIS A 121 -4.29 -11.67 1.23
N GLY A 122 -3.67 -12.51 0.40
CA GLY A 122 -3.94 -12.39 -1.02
C GLY A 122 -3.22 -13.39 -1.88
N GLU A 123 -3.50 -13.27 -3.17
CA GLU A 123 -2.75 -13.92 -4.23
CA GLU A 123 -2.82 -13.94 -4.26
C GLU A 123 -2.53 -12.89 -5.33
N GLU A 124 -1.77 -13.27 -6.35
CA GLU A 124 -1.47 -12.31 -7.40
C GLU A 124 -2.77 -11.73 -7.94
N GLY A 125 -2.89 -10.40 -7.83
CA GLY A 125 -4.00 -9.64 -8.36
C GLY A 125 -5.18 -9.46 -7.44
N ILE A 126 -5.10 -10.01 -6.22
CA ILE A 126 -6.27 -10.31 -5.39
C ILE A 126 -5.93 -9.99 -3.93
N ILE A 127 -6.88 -9.37 -3.23
CA ILE A 127 -6.80 -9.23 -1.79
CA ILE A 127 -6.83 -9.15 -1.79
C ILE A 127 -8.09 -9.74 -1.17
N PHE A 128 -7.96 -10.32 0.02
CA PHE A 128 -9.09 -10.95 0.68
C PHE A 128 -9.78 -9.99 1.65
N GLY A 129 -11.10 -9.80 1.46
CA GLY A 129 -11.98 -9.41 2.54
C GLY A 129 -12.20 -10.56 3.50
N THR A 130 -12.81 -10.25 4.65
CA THR A 130 -12.92 -11.24 5.71
C THR A 130 -13.66 -12.50 5.29
N ASN A 131 -14.35 -12.49 4.16
CA ASN A 131 -15.22 -13.59 3.77
C ASN A 131 -14.97 -14.06 2.34
N GLY A 132 -13.86 -13.68 1.73
CA GLY A 132 -13.59 -14.02 0.35
C GLY A 132 -12.91 -12.90 -0.40
N PRO A 133 -12.46 -13.18 -1.61
CA PRO A 133 -11.48 -12.30 -2.27
C PRO A 133 -12.10 -11.16 -3.09
N VAL A 134 -11.25 -10.17 -3.33
CA VAL A 134 -11.55 -9.04 -4.19
C VAL A 134 -10.39 -8.88 -5.15
N ASP A 135 -10.68 -8.67 -6.43
CA ASP A 135 -9.62 -8.37 -7.38
C ASP A 135 -9.18 -6.93 -7.21
N LEU A 136 -7.87 -6.72 -7.10
CA LEU A 136 -7.33 -5.37 -7.04
C LEU A 136 -7.91 -4.48 -8.14
N LYS A 137 -8.01 -5.01 -9.37
CA LYS A 137 -8.51 -4.19 -10.47
C LYS A 137 -9.87 -3.60 -10.16
N LYS A 138 -10.80 -4.40 -9.61
CA LYS A 138 -12.11 -3.84 -9.31
C LYS A 138 -12.02 -2.62 -8.38
N ILE A 139 -11.13 -2.68 -7.39
CA ILE A 139 -10.91 -1.56 -6.49
C ILE A 139 -10.31 -0.37 -7.22
N THR A 140 -9.14 -0.56 -7.84
CA THR A 140 -8.45 0.55 -8.48
C THR A 140 -9.28 1.18 -9.58
N ASN A 141 -9.99 0.36 -10.36
CA ASN A 141 -10.73 0.92 -11.49
C ASN A 141 -11.62 2.08 -11.05
N PHE A 142 -12.14 2.03 -9.83
CA PHE A 142 -13.00 3.10 -9.34
C PHE A 142 -12.37 4.47 -9.51
N PHE A 143 -11.04 4.52 -9.58
CA PHE A 143 -10.27 5.75 -9.57
C PHE A 143 -9.60 6.03 -10.91
N ARG A 144 -9.88 5.23 -11.93
CA ARG A 144 -9.41 5.51 -13.28
C ARG A 144 -9.75 6.94 -13.66
N GLY A 145 -8.81 7.58 -14.38
CA GLY A 145 -8.92 9.00 -14.62
C GLY A 145 -10.25 9.41 -15.18
N ASP A 146 -10.95 8.48 -15.83
CA ASP A 146 -12.25 8.73 -16.46
C ASP A 146 -13.42 8.40 -15.56
N ARG A 147 -13.19 7.72 -14.44
CA ARG A 147 -14.25 7.35 -13.52
C ARG A 147 -14.23 8.13 -12.22
N CYS A 148 -13.12 8.83 -11.93
CA CYS A 148 -13.03 9.65 -10.73
C CYS A 148 -12.38 10.99 -11.13
N ARG A 149 -13.19 11.87 -11.73
CA ARG A 149 -12.67 13.09 -12.35
C ARG A 149 -11.94 13.97 -11.34
N SER A 150 -12.50 14.16 -10.14
CA SER A 150 -11.79 15.03 -9.23
C SER A 150 -10.42 14.48 -8.79
N LEU A 151 -10.01 13.30 -9.26
CA LEU A 151 -8.65 12.87 -9.00
C LEU A 151 -7.82 12.75 -10.26
N THR A 152 -8.39 13.05 -11.43
CA THR A 152 -7.66 12.96 -12.69
C THR A 152 -6.39 13.80 -12.64
N GLY A 153 -5.26 13.20 -13.00
CA GLY A 153 -4.02 13.93 -13.01
C GLY A 153 -3.38 14.15 -11.66
N LYS A 154 -4.04 13.75 -10.59
CA LYS A 154 -3.46 13.67 -9.26
C LYS A 154 -2.96 12.25 -8.98
N PRO A 155 -1.91 12.12 -8.17
CA PRO A 155 -1.34 10.80 -7.91
C PRO A 155 -2.22 9.98 -6.97
N LYS A 156 -2.54 8.77 -7.41
CA LYS A 156 -3.32 7.80 -6.64
C LYS A 156 -2.39 6.67 -6.20
N LEU A 157 -2.16 6.54 -4.89
CA LEU A 157 -1.19 5.60 -4.33
C LEU A 157 -1.89 4.41 -3.66
N PHE A 158 -1.43 3.21 -3.97
CA PHE A 158 -2.01 1.97 -3.43
C PHE A 158 -0.90 1.15 -2.79
N ILE A 159 -0.97 1.00 -1.48
N ILE A 159 -0.98 0.97 -1.48
CA ILE A 159 0.04 0.27 -0.69
CA ILE A 159 0.05 0.27 -0.72
C ILE A 159 -0.57 -1.07 -0.30
C ILE A 159 -0.53 -1.06 -0.25
N ILE A 160 0.06 -2.16 -0.72
CA ILE A 160 -0.51 -3.49 -0.58
C ILE A 160 0.42 -4.41 0.21
N GLN A 161 0.04 -4.70 1.45
CA GLN A 161 0.70 -5.74 2.25
C GLN A 161 -0.18 -6.97 2.15
N ALA A 162 0.19 -7.89 1.27
CA ALA A 162 -0.56 -9.11 1.08
C ALA A 162 0.33 -10.06 0.31
N CYS A 163 -0.01 -11.33 0.37
CA CYS A 163 0.74 -12.30 -0.40
C CYS A 163 0.46 -12.10 -1.88
N ARG A 164 1.41 -12.51 -2.72
CA ARG A 164 1.21 -12.43 -4.18
C ARG A 164 1.45 -13.78 -4.83
N GLY A 165 1.23 -14.87 -4.11
CA GLY A 165 1.61 -16.20 -4.56
C GLY A 165 2.17 -17.00 -3.41
N THR A 166 2.92 -18.05 -3.73
CA THR A 166 3.36 -18.98 -2.70
C THR A 166 4.86 -19.25 -2.77
N GLU A 167 5.63 -18.47 -3.51
CA GLU A 167 7.05 -18.76 -3.63
C GLU A 167 7.82 -18.17 -2.45
N LEU A 168 8.99 -18.72 -2.21
CA LEU A 168 9.84 -18.28 -1.10
C LEU A 168 11.23 -17.97 -1.63
N ASP A 169 11.78 -16.86 -1.18
CA ASP A 169 13.06 -16.36 -1.68
C ASP A 169 14.14 -16.83 -0.72
N CYS A 170 15.04 -17.69 -1.21
N CYS A 170 15.04 -17.70 -1.22
CA CYS A 170 16.11 -18.26 -0.40
CA CYS A 170 16.12 -18.27 -0.43
C CYS A 170 17.35 -17.38 -0.33
C CYS A 170 17.32 -17.35 -0.30
N GLY A 171 17.40 -16.31 -1.13
CA GLY A 171 18.49 -15.38 -1.04
C GLY A 171 19.83 -15.98 -1.42
N ILE A 172 20.84 -15.12 -1.34
CA ILE A 172 22.22 -15.46 -1.68
C ILE A 172 23.13 -14.63 -0.80
N GLU A 173 24.06 -15.30 -0.11
CA GLU A 173 25.00 -14.60 0.75
C GLU A 173 25.89 -13.67 -0.07
N THR A 174 26.21 -12.50 0.50
CA THR A 174 27.05 -11.52 -0.18
C THR A 174 28.34 -11.24 0.59
N HIS A 185 -9.89 12.13 -25.35
CA HIS A 185 -8.77 11.26 -25.02
C HIS A 185 -7.47 12.06 -24.91
N LYS A 186 -7.00 12.34 -23.70
CA LYS A 186 -5.76 13.11 -23.55
C LYS A 186 -4.72 12.43 -22.65
N ILE A 187 -5.12 11.85 -21.50
CA ILE A 187 -4.21 11.00 -20.73
C ILE A 187 -4.79 9.59 -20.60
N PRO A 188 -3.94 8.57 -20.50
CA PRO A 188 -4.43 7.21 -20.21
C PRO A 188 -5.28 7.20 -18.94
N VAL A 189 -6.35 6.40 -18.97
CA VAL A 189 -7.14 6.24 -17.76
C VAL A 189 -6.31 5.59 -16.66
N GLU A 190 -5.33 4.77 -17.03
CA GLU A 190 -4.51 4.03 -16.08
C GLU A 190 -3.31 4.82 -15.57
N ALA A 191 -3.12 6.05 -16.04
CA ALA A 191 -1.98 6.84 -15.61
C ALA A 191 -2.20 7.39 -14.21
N ASP A 192 -1.10 7.82 -13.58
CA ASP A 192 -1.12 8.49 -12.28
C ASP A 192 -1.45 7.54 -11.13
N PHE A 193 -1.29 6.23 -11.33
CA PHE A 193 -1.31 5.27 -10.24
C PHE A 193 0.11 4.87 -9.84
N LEU A 194 0.29 4.59 -8.55
CA LEU A 194 1.51 3.98 -8.04
C LEU A 194 1.10 2.81 -7.17
N TYR A 195 1.54 1.60 -7.55
CA TYR A 195 1.36 0.41 -6.73
C TYR A 195 2.64 0.14 -5.96
N ALA A 196 2.57 0.23 -4.63
CA ALA A 196 3.69 -0.11 -3.78
C ALA A 196 3.41 -1.52 -3.24
N TYR A 197 4.03 -2.52 -3.87
CA TYR A 197 3.80 -3.90 -3.50
C TYR A 197 4.79 -4.34 -2.43
N SER A 198 4.26 -5.04 -1.41
CA SER A 198 5.07 -5.52 -0.30
C SER A 198 6.10 -6.54 -0.73
N THR A 199 5.83 -7.24 -1.81
CA THR A 199 6.66 -8.38 -2.18
C THR A 199 6.62 -8.51 -3.69
N ALA A 200 7.53 -9.33 -4.22
CA ALA A 200 7.62 -9.49 -5.65
C ALA A 200 6.51 -10.36 -6.18
N PRO A 201 6.26 -10.31 -7.48
CA PRO A 201 5.16 -11.09 -8.07
C PRO A 201 5.36 -12.57 -7.85
N GLY A 202 4.30 -13.24 -7.40
CA GLY A 202 4.33 -14.67 -7.18
C GLY A 202 4.83 -15.11 -5.83
N TYR A 203 5.35 -14.19 -5.01
CA TYR A 203 6.03 -14.54 -3.77
C TYR A 203 5.14 -14.34 -2.55
N TYR A 204 5.51 -15.04 -1.48
CA TYR A 204 4.94 -14.79 -0.16
C TYR A 204 5.35 -13.42 0.35
N SER A 205 4.52 -12.85 1.21
CA SER A 205 4.85 -11.65 1.96
C SER A 205 5.05 -12.04 3.41
N TRP A 206 6.03 -11.42 4.06
CA TRP A 206 6.37 -11.79 5.43
C TRP A 206 5.83 -10.78 6.44
N ARG A 207 5.33 -11.30 7.55
CA ARG A 207 4.78 -10.52 8.65
C ARG A 207 5.32 -11.10 9.95
N ASN A 208 5.70 -10.22 10.87
CA ASN A 208 6.13 -10.65 12.19
C ASN A 208 5.03 -10.34 13.20
N SER A 209 4.73 -11.30 14.06
CA SER A 209 3.55 -11.18 14.92
C SER A 209 3.74 -10.16 16.03
N LYS A 210 4.97 -9.81 16.38
CA LYS A 210 5.25 -8.77 17.36
C LYS A 210 5.60 -7.43 16.73
N ASP A 211 6.37 -7.44 15.64
CA ASP A 211 6.95 -6.23 15.10
C ASP A 211 6.14 -5.65 13.93
N GLY A 212 5.17 -6.39 13.40
CA GLY A 212 4.48 -6.01 12.19
C GLY A 212 5.13 -6.56 10.92
N SER A 213 4.53 -6.22 9.79
CA SER A 213 5.04 -6.72 8.51
C SER A 213 6.32 -6.00 8.11
N TRP A 214 7.29 -6.77 7.61
CA TRP A 214 8.56 -6.20 7.17
C TRP A 214 8.32 -4.97 6.32
N PHE A 215 7.47 -5.11 5.31
CA PHE A 215 7.26 -4.02 4.37
C PHE A 215 6.77 -2.76 5.07
N ILE A 216 5.81 -2.91 5.98
CA ILE A 216 5.21 -1.73 6.56
C ILE A 216 6.11 -1.10 7.61
N GLN A 217 6.77 -1.90 8.46
CA GLN A 217 7.75 -1.32 9.37
C GLN A 217 8.70 -0.42 8.59
N SER A 218 9.24 -0.94 7.49
CA SER A 218 10.21 -0.20 6.71
C SER A 218 9.55 0.98 6.02
N LEU A 219 8.35 0.80 5.47
CA LEU A 219 7.71 1.95 4.82
C LEU A 219 7.56 3.11 5.79
N CYS A 220 7.05 2.86 7.00
CA CYS A 220 6.81 3.96 7.92
C CYS A 220 8.12 4.56 8.41
N ALA A 221 9.09 3.71 8.74
CA ALA A 221 10.41 4.24 9.12
C ALA A 221 10.93 5.21 8.07
N MET A 222 10.89 4.80 6.80
CA MET A 222 11.47 5.62 5.75
C MET A 222 10.67 6.85 5.43
N LEU A 223 9.38 6.90 5.75
CA LEU A 223 8.68 8.17 5.59
C LEU A 223 9.05 9.12 6.72
N LYS A 224 8.94 8.66 7.98
CA LYS A 224 9.47 9.39 9.12
C LYS A 224 10.72 10.14 8.73
N GLN A 225 11.70 9.39 8.26
CA GLN A 225 13.06 9.90 8.14
C GLN A 225 13.30 10.69 6.86
N TYR A 226 12.55 10.43 5.78
CA TYR A 226 12.92 10.98 4.48
C TYR A 226 11.81 11.70 3.72
N ALA A 227 10.58 11.77 4.25
CA ALA A 227 9.49 12.42 3.50
C ALA A 227 9.76 13.90 3.25
N ASP A 228 10.52 14.57 4.10
CA ASP A 228 10.84 15.97 3.89
C ASP A 228 12.16 16.17 3.13
N LYS A 229 12.63 15.15 2.41
CA LYS A 229 13.88 15.26 1.68
C LYS A 229 13.89 14.54 0.34
N LEU A 230 13.23 13.39 0.24
CA LEU A 230 13.29 12.54 -0.93
C LEU A 230 11.97 12.51 -1.68
N GLU A 231 12.07 12.46 -3.00
CA GLU A 231 10.97 12.05 -3.86
C GLU A 231 10.52 10.64 -3.51
N PHE A 232 9.22 10.38 -3.71
CA PHE A 232 8.65 9.13 -3.22
C PHE A 232 9.36 7.90 -3.78
N MET A 233 9.65 7.89 -5.09
CA MET A 233 10.33 6.75 -5.70
C MET A 233 11.64 6.43 -4.98
N HIS A 234 12.39 7.47 -4.58
CA HIS A 234 13.63 7.27 -3.84
C HIS A 234 13.40 6.79 -2.41
N ILE A 235 12.22 7.09 -1.85
CA ILE A 235 11.89 6.55 -0.54
C ILE A 235 11.59 5.07 -0.64
N LEU A 236 10.77 4.68 -1.61
CA LEU A 236 10.47 3.27 -1.80
C LEU A 236 11.73 2.46 -2.08
N THR A 237 12.63 3.00 -2.89
CA THR A 237 13.92 2.34 -3.09
C THR A 237 14.65 2.10 -1.76
N ARG A 238 14.64 3.09 -0.86
CA ARG A 238 15.18 2.86 0.48
C ARG A 238 14.42 1.75 1.20
N VAL A 239 13.09 1.79 1.13
CA VAL A 239 12.27 0.73 1.72
C VAL A 239 12.65 -0.62 1.14
N ASN A 240 12.82 -0.69 -0.19
CA ASN A 240 13.28 -1.93 -0.79
C ASN A 240 14.58 -2.41 -0.16
N ARG A 241 15.57 -1.52 -0.03
CA ARG A 241 16.88 -1.94 0.47
CA ARG A 241 16.89 -1.93 0.47
C ARG A 241 16.82 -2.37 1.92
N LYS A 242 15.99 -1.70 2.71
CA LYS A 242 15.84 -2.08 4.10
CA LYS A 242 15.84 -2.08 4.10
C LYS A 242 15.24 -3.48 4.21
N VAL A 243 14.07 -3.67 3.60
CA VAL A 243 13.42 -4.97 3.63
C VAL A 243 14.36 -6.05 3.13
N ALA A 244 15.12 -5.74 2.08
CA ALA A 244 15.99 -6.74 1.49
C ALA A 244 17.21 -7.02 2.33
N THR A 245 17.70 -6.01 3.06
CA THR A 245 18.97 -6.21 3.76
C THR A 245 18.80 -6.56 5.22
N GLU A 246 17.80 -6.04 5.93
CA GLU A 246 17.74 -6.18 7.38
C GLU A 246 16.77 -7.26 7.88
N PHE A 247 16.08 -7.99 7.01
CA PHE A 247 15.16 -9.02 7.46
C PHE A 247 15.54 -10.37 6.87
N GLU A 248 15.44 -11.40 7.71
CA GLU A 248 15.55 -12.79 7.31
C GLU A 248 14.60 -13.57 8.20
N SER A 249 13.65 -14.27 7.59
CA SER A 249 12.68 -15.02 8.35
C SER A 249 13.35 -16.04 9.27
N PHE A 250 12.63 -16.41 10.31
CA PHE A 250 13.12 -17.41 11.23
C PHE A 250 11.99 -18.38 11.52
N SER A 251 12.22 -19.68 11.28
CA SER A 251 11.15 -20.66 11.45
C SER A 251 11.72 -21.99 11.92
N PHE A 252 10.93 -22.72 12.71
CA PHE A 252 11.29 -24.09 13.04
C PHE A 252 11.09 -25.05 11.87
N ASP A 253 10.42 -24.59 10.83
CA ASP A 253 10.09 -25.39 9.66
C ASP A 253 11.11 -25.10 8.56
N ALA A 254 11.85 -26.13 8.14
CA ALA A 254 12.96 -25.93 7.20
C ALA A 254 12.52 -25.15 5.97
N THR A 255 11.32 -25.45 5.47
CA THR A 255 10.76 -24.81 4.28
C THR A 255 10.74 -23.28 4.42
N PHE A 256 10.46 -22.78 5.62
CA PHE A 256 10.15 -21.37 5.80
C PHE A 256 11.24 -20.60 6.50
N HIS A 257 12.35 -21.24 6.79
CA HIS A 257 13.38 -20.61 7.58
C HIS A 257 14.42 -19.98 6.65
N ALA A 258 14.86 -18.78 6.99
CA ALA A 258 15.99 -18.18 6.29
C ALA A 258 15.56 -17.67 4.90
N LYS A 259 14.35 -17.15 4.81
CA LYS A 259 13.86 -16.62 3.55
C LYS A 259 13.86 -15.10 3.57
N LYS A 260 13.76 -14.53 2.38
CA LYS A 260 14.01 -13.12 2.15
C LYS A 260 12.81 -12.51 1.43
N GLN A 261 12.85 -11.19 1.23
CA GLN A 261 11.77 -10.53 0.54
C GLN A 261 12.31 -9.27 -0.13
N ILE A 262 11.80 -8.95 -1.30
CA ILE A 262 12.07 -7.67 -1.97
C ILE A 262 10.73 -7.11 -2.44
N PRO A 263 10.37 -5.89 -2.06
CA PRO A 263 9.09 -5.33 -2.51
C PRO A 263 9.12 -4.96 -3.99
N CYS A 264 7.95 -4.64 -4.52
CA CYS A 264 7.81 -4.31 -5.93
C CYS A 264 7.13 -2.95 -6.03
N ILE A 265 7.85 -1.99 -6.61
CA ILE A 265 7.28 -0.70 -6.99
C ILE A 265 6.74 -0.79 -8.42
N ASN A 266 5.45 -0.57 -8.59
CA ASN A 266 4.84 -0.43 -9.91
C ASN A 266 4.42 1.03 -10.07
N SER A 267 5.19 1.79 -10.83
CA SER A 267 4.88 3.19 -11.03
C SER A 267 4.34 3.43 -12.42
N MET A 268 3.08 3.86 -12.48
CA MET A 268 2.50 4.51 -13.65
CA MET A 268 2.54 4.52 -13.66
C MET A 268 2.41 6.02 -13.44
N LEU A 269 3.15 6.56 -12.48
CA LEU A 269 3.16 7.98 -12.26
C LEU A 269 3.72 8.70 -13.48
N THR A 270 3.36 9.98 -13.62
CA THR A 270 3.83 10.79 -14.74
C THR A 270 4.64 12.00 -14.30
N LYS A 271 4.66 12.32 -13.00
CA LYS A 271 5.53 13.34 -12.47
C LYS A 271 6.15 12.81 -11.19
N GLU A 272 7.12 13.53 -10.67
CA GLU A 272 7.72 13.21 -9.38
C GLU A 272 6.80 13.65 -8.25
N LEU A 273 6.91 12.97 -7.11
CA LEU A 273 5.95 13.12 -6.01
CA LEU A 273 5.95 13.11 -6.01
C LEU A 273 6.70 13.41 -4.71
N TYR A 274 6.58 14.63 -4.21
CA TYR A 274 7.15 15.06 -2.95
C TYR A 274 6.04 15.32 -1.95
N PHE A 275 6.24 14.91 -0.70
CA PHE A 275 5.19 15.08 0.30
C PHE A 275 5.20 16.46 0.94
N TYR A 276 6.05 17.36 0.47
CA TYR A 276 6.10 18.74 0.92
C TYR A 276 5.87 19.67 -0.27
N HIS A 277 5.59 20.94 0.03
CA HIS A 277 5.55 21.96 -1.00
C HIS A 277 6.39 23.15 -0.57
N LEU A 278 6.70 24.02 -1.53
CA LEU A 278 7.51 25.21 -1.29
C LEU A 278 6.66 26.40 -0.82
N LEU B 1 -12.10 2.22 14.47
CA LEU B 1 -12.13 2.78 13.13
C LEU B 1 -12.90 4.11 13.01
N SER B 2 -12.98 4.61 11.77
CA SER B 2 -13.41 5.98 11.49
C SER B 2 -14.56 6.01 10.47
N SER B 3 -14.51 6.88 9.47
CA SER B 3 -15.64 7.10 8.56
C SER B 3 -15.47 8.41 7.76
C ACE C 1 6.91 -14.43 13.81
O ACE C 1 5.95 -13.70 13.51
CH3 ACE C 1 7.23 -14.79 15.23
N ASP C 2 7.74 -14.96 12.90
CA ASP C 2 7.55 -14.68 11.48
C ASP C 2 6.57 -15.62 10.82
N GLU C 3 5.62 -15.01 10.11
CA GLU C 3 4.54 -15.72 9.43
C GLU C 3 4.37 -15.16 8.03
N VAL C 4 3.82 -15.99 7.15
CA VAL C 4 3.48 -15.51 5.81
C VAL C 4 1.98 -15.12 5.73
N ASP C 5 1.71 -14.06 4.99
CA ASP C 5 0.37 -13.59 4.72
C ASP C 5 0.10 -14.08 3.32
C1 0QE C 6 1.38 -14.14 2.53
NA NA D . 5.78 -7.73 4.33
#